data_4UYB
#
_entry.id   4UYB
#
_cell.length_a   83.243
_cell.length_b   83.243
_cell.length_c   174.363
_cell.angle_alpha   90.00
_cell.angle_beta   90.00
_cell.angle_gamma   90.00
#
_symmetry.space_group_name_H-M   'P 41 21 2'
#
loop_
_entity.id
_entity.type
_entity.pdbx_description
1 polymer 'SEC14-LIKE PROTEIN 3'
2 non-polymer 1,2-ETHANEDIOL
3 non-polymer 'UNKNOWN LIGAND'
4 water water
#
_entity_poly.entity_id   1
_entity_poly.type   'polypeptide(L)'
_entity_poly.pdbx_seq_one_letter_code
;SMSGRVGDLSPKQAETLAKFRENVQDVLPALPNPDDYFLLRWLRARNFDLQKSEALLRKYMEFRKTMDIDHILDWQPPEV
IQKYMPGGLCGYDRDGCPVWYDIIGPLDPKGLLFSVTKQDLLKTKMRDCERILHECDLQTERLGKKIETIVMIFDCEGLG
LKHFWKPLVEVYQEFFGLLEENYPETLKFMLIVKATKLFPVGYNLMKPFLSEDTRRKIIVLGNNWKEGLLKLISPEELPA
QFGGTLTDPDGNPKCLTKINYGGEIPKSMYVRDQVKTQYEHSVQINRGSSHQVEYEILFPGCVLRWQFSSDGADIGFGVF
LKTKMGERQRAGEMTEVLPSQRYNAHMVPEDGNLTCSEAGVYVLRFDNTYSFVHAKKVSFTVEVLLPDEGMQKYDKELTP
V
;
_entity_poly.pdbx_strand_id   A
#
loop_
_chem_comp.id
_chem_comp.type
_chem_comp.name
_chem_comp.formula
EDO non-polymer 1,2-ETHANEDIOL 'C2 H6 O2'
UNL non-polymer 'UNKNOWN LIGAND' ?
#
# COMPACT_ATOMS: atom_id res chain seq x y z
N SER A 1 9.57 20.22 -27.64
CA SER A 1 10.23 19.94 -26.34
C SER A 1 10.93 18.59 -26.46
N MET A 2 11.91 18.40 -25.58
CA MET A 2 12.70 17.14 -25.59
C MET A 2 12.39 16.38 -24.31
N SER A 3 12.41 15.05 -24.43
CA SER A 3 11.82 14.24 -23.38
C SER A 3 12.80 13.93 -22.29
N GLY A 4 14.05 14.31 -22.41
CA GLY A 4 14.97 14.02 -21.32
C GLY A 4 15.37 12.56 -21.23
N ARG A 5 15.33 11.85 -22.36
CA ARG A 5 15.73 10.47 -22.51
C ARG A 5 16.89 10.39 -23.42
N VAL A 6 17.71 9.34 -23.23
CA VAL A 6 18.81 9.10 -24.19
C VAL A 6 18.32 9.14 -25.61
N GLY A 7 19.06 9.88 -26.44
CA GLY A 7 18.73 10.00 -27.91
C GLY A 7 17.71 11.09 -28.16
N ASP A 8 17.13 11.67 -27.11
CA ASP A 8 16.19 12.74 -27.16
C ASP A 8 16.42 13.81 -26.10
N LEU A 9 17.67 14.22 -25.97
CA LEU A 9 18.06 15.28 -25.04
C LEU A 9 18.24 16.61 -25.74
N SER A 10 17.72 17.64 -25.14
CA SER A 10 18.05 19.00 -25.56
C SER A 10 19.52 19.30 -25.21
N PRO A 11 20.12 20.35 -25.82
CA PRO A 11 21.46 20.75 -25.37
C PRO A 11 21.48 21.03 -23.86
N LYS A 12 20.48 21.70 -23.33
CA LYS A 12 20.44 21.97 -21.86
C LYS A 12 20.39 20.72 -21.06
N GLN A 13 19.51 19.80 -21.44
CA GLN A 13 19.41 18.51 -20.72
C GLN A 13 20.70 17.79 -20.77
N ALA A 14 21.38 17.74 -21.91
CA ALA A 14 22.63 17.04 -22.00
C ALA A 14 23.71 17.67 -21.14
N GLU A 15 23.80 19.00 -21.10
CA GLU A 15 24.77 19.67 -20.33
C GLU A 15 24.46 19.41 -18.82
N THR A 16 23.21 19.46 -18.43
CA THR A 16 22.81 19.15 -17.05
C THR A 16 23.16 17.76 -16.69
N LEU A 17 22.93 16.79 -17.60
CA LEU A 17 23.35 15.38 -17.35
C LEU A 17 24.86 15.30 -17.08
N ALA A 18 25.64 15.86 -18.01
N ALA A 18 25.66 16.14 -17.78
CA ALA A 18 27.09 15.73 -17.96
CA ALA A 18 27.10 16.28 -17.45
C ALA A 18 27.61 16.29 -16.61
C ALA A 18 27.40 16.86 -16.06
N LYS A 19 26.96 17.40 -16.19
N LYS A 19 26.76 17.97 -15.69
CA LYS A 19 27.27 18.04 -14.91
CA LYS A 19 27.08 18.56 -14.38
C LYS A 19 26.83 17.20 -13.70
C LYS A 19 26.61 17.57 -13.33
N PHE A 20 25.55 16.82 -13.67
N PHE A 20 25.70 16.65 -13.73
CA PHE A 20 24.99 15.99 -12.55
CA PHE A 20 25.18 15.57 -12.83
C PHE A 20 25.96 14.82 -12.25
C PHE A 20 26.20 14.42 -12.68
N ARG A 21 26.38 14.13 -13.30
N ARG A 21 26.65 13.92 -13.81
CA ARG A 21 27.34 13.03 -13.22
CA ARG A 21 27.67 12.88 -13.85
C ARG A 21 28.65 13.43 -12.61
C ARG A 21 28.87 13.32 -12.97
N GLU A 22 29.41 14.40 -13.26
N GLU A 22 28.93 14.69 -12.58
CA GLU A 22 30.54 14.97 -12.61
CA GLU A 22 30.08 15.27 -11.70
C GLU A 22 30.23 15.04 -11.09
C GLU A 22 29.75 15.70 -10.22
N ASN A 23 29.07 15.61 -10.76
N ASN A 23 28.58 16.31 -9.99
CA ASN A 23 28.64 15.85 -9.40
CA ASN A 23 28.18 16.72 -8.66
C ASN A 23 28.42 14.60 -8.53
C ASN A 23 28.08 15.50 -7.69
N VAL A 24 27.90 13.52 -9.13
N VAL A 24 27.77 14.36 -8.24
CA VAL A 24 27.58 12.30 -8.36
CA VAL A 24 27.53 13.13 -7.47
C VAL A 24 28.55 11.23 -8.66
C VAL A 24 28.68 12.09 -7.62
N GLN A 25 29.69 11.65 -9.10
N GLN A 25 29.92 12.52 -8.05
CA GLN A 25 30.84 10.80 -9.23
CA GLN A 25 30.98 11.62 -8.49
C GLN A 25 31.20 10.01 -7.94
C GLN A 25 31.21 10.60 -7.43
N ASP A 26 30.98 10.69 -6.80
N ASP A 26 31.04 11.12 -6.19
CA ASP A 26 31.20 10.27 -5.42
CA ASP A 26 31.52 10.32 -4.99
C ASP A 26 30.41 9.11 -4.88
C ASP A 26 30.63 9.16 -4.67
N VAL A 27 29.19 9.01 -5.33
N VAL A 27 29.43 9.14 -5.19
CA VAL A 27 28.36 7.91 -4.91
CA VAL A 27 28.53 8.03 -4.89
C VAL A 27 28.36 6.85 -5.97
C VAL A 27 28.45 6.93 -5.94
N LEU A 28 28.88 7.23 -7.14
N LEU A 28 28.95 7.20 -7.11
CA LEU A 28 28.74 6.27 -8.27
CA LEU A 28 28.62 6.16 -8.15
C LEU A 28 29.47 5.00 -8.07
C LEU A 28 29.27 4.76 -8.23
N PRO A 29 30.63 5.08 -7.27
N PRO A 29 30.59 4.69 -7.89
CA PRO A 29 31.38 3.75 -7.10
CA PRO A 29 31.30 3.45 -7.70
C PRO A 29 30.59 2.55 -6.54
C PRO A 29 30.61 2.35 -6.83
N ALA A 30 29.47 2.88 -5.96
N ALA A 30 29.75 2.83 -5.96
CA ALA A 30 28.59 1.84 -5.40
CA ALA A 30 29.02 2.07 -5.02
C ALA A 30 27.54 1.17 -6.31
C ALA A 30 27.73 1.45 -5.74
N LEU A 31 27.41 1.44 -7.64
N LEU A 31 27.44 2.02 -6.90
CA LEU A 31 26.26 0.96 -8.42
CA LEU A 31 26.30 1.56 -7.69
C LEU A 31 26.61 -0.03 -9.49
C LEU A 31 26.76 0.52 -8.57
N PRO A 32 25.65 -0.97 -9.76
N PRO A 32 25.80 -0.29 -8.95
CA PRO A 32 25.84 -2.00 -10.80
CA PRO A 32 26.07 -1.38 -9.89
C PRO A 32 25.73 -1.50 -12.26
C PRO A 32 26.18 -0.92 -11.37
N ASN A 33 24.82 -0.53 -12.56
N ASN A 33 25.50 0.20 -11.69
CA ASN A 33 24.75 0.00 -13.89
CA ASN A 33 25.53 0.62 -13.10
C ASN A 33 24.32 1.47 -13.94
C ASN A 33 25.17 2.08 -13.19
N PRO A 34 25.26 2.36 -13.65
N PRO A 34 26.09 2.95 -12.79
CA PRO A 34 24.88 3.79 -13.66
CA PRO A 34 25.77 4.37 -12.76
C PRO A 34 25.02 4.38 -15.10
C PRO A 34 25.82 5.08 -14.11
N ASP A 35 24.22 3.85 -15.99
N ASP A 35 25.16 4.48 -15.15
CA ASP A 35 24.26 4.32 -17.36
CA ASP A 35 25.18 5.06 -16.46
C ASP A 35 23.51 5.64 -17.50
C ASP A 35 24.21 6.23 -16.66
N ASP A 36 23.51 6.23 -18.72
N ASP A 36 24.15 6.74 -17.90
CA ASP A 36 22.90 7.55 -18.80
CA ASP A 36 23.11 7.82 -18.29
C ASP A 36 21.51 7.44 -18.41
C ASP A 36 21.57 7.41 -18.20
N TYR A 37 21.04 6.26 -18.70
CA TYR A 37 19.61 5.92 -18.48
C TYR A 37 19.28 6.06 -16.98
N PHE A 38 20.15 5.43 -16.17
CA PHE A 38 19.97 5.50 -14.74
C PHE A 38 19.93 6.92 -14.20
N LEU A 39 20.94 7.70 -14.59
CA LEU A 39 21.05 9.12 -14.12
C LEU A 39 19.88 9.97 -14.52
N LEU A 40 19.45 9.75 -15.75
CA LEU A 40 18.37 10.56 -16.30
C LEU A 40 17.01 10.33 -15.61
N ARG A 41 16.81 9.12 -14.99
CA ARG A 41 15.57 8.91 -14.21
C ARG A 41 15.48 9.94 -13.04
N TRP A 42 16.64 10.14 -12.35
CA TRP A 42 16.68 11.07 -11.26
C TRP A 42 16.43 12.51 -11.68
N LEU A 43 17.09 12.86 -12.82
CA LEU A 43 16.91 14.19 -13.34
C LEU A 43 15.46 14.42 -13.80
N ARG A 44 14.92 13.46 -14.56
CA ARG A 44 13.52 13.68 -14.98
C ARG A 44 12.54 13.86 -13.81
N ALA A 45 12.85 13.05 -12.74
CA ALA A 45 11.97 13.11 -11.56
C ALA A 45 11.87 14.46 -10.86
N ARG A 46 12.93 15.28 -11.04
CA ARG A 46 13.03 16.58 -10.45
C ARG A 46 13.22 17.69 -11.49
N ASN A 47 12.72 17.38 -12.72
CA ASN A 47 12.73 18.44 -13.78
CA ASN A 47 12.74 18.38 -13.84
C ASN A 47 14.10 19.03 -14.04
N PHE A 48 15.12 18.18 -13.98
CA PHE A 48 16.46 18.59 -14.30
C PHE A 48 17.07 19.65 -13.31
N ASP A 49 16.51 19.68 -12.07
CA ASP A 49 17.11 20.51 -11.04
C ASP A 49 18.27 19.74 -10.42
N LEU A 50 19.45 20.23 -10.62
CA LEU A 50 20.69 19.54 -10.15
C LEU A 50 20.67 19.24 -8.64
N GLN A 51 20.30 20.25 -7.84
CA GLN A 51 20.36 20.04 -6.35
C GLN A 51 19.36 19.02 -5.91
N LYS A 52 18.09 19.11 -6.37
CA LYS A 52 17.06 18.16 -5.94
C LYS A 52 17.30 16.78 -6.46
N SER A 53 17.79 16.65 -7.69
CA SER A 53 18.07 15.33 -8.28
C SER A 53 19.18 14.63 -7.52
N GLU A 54 20.19 15.42 -7.13
CA GLU A 54 21.34 14.94 -6.36
CA GLU A 54 21.33 14.80 -6.41
C GLU A 54 20.85 14.45 -4.99
N ALA A 55 20.04 15.27 -4.35
CA ALA A 55 19.62 14.95 -2.94
C ALA A 55 18.78 13.62 -3.01
N LEU A 56 17.92 13.46 -4.03
CA LEU A 56 17.12 12.29 -4.20
C LEU A 56 17.99 11.07 -4.41
N LEU A 57 18.96 11.16 -5.28
CA LEU A 57 19.90 10.06 -5.54
C LEU A 57 20.70 9.68 -4.26
N ARG A 58 21.14 10.70 -3.51
CA ARG A 58 21.90 10.42 -2.32
C ARG A 58 21.07 9.65 -1.27
N LYS A 59 19.80 9.96 -1.15
CA LYS A 59 18.90 9.23 -0.23
C LYS A 59 18.77 7.83 -0.71
N TYR A 60 18.65 7.61 -2.04
CA TYR A 60 18.58 6.26 -2.58
C TYR A 60 19.84 5.43 -2.26
N MET A 61 21.00 6.07 -2.25
CA MET A 61 22.20 5.35 -1.92
C MET A 61 22.13 4.78 -0.47
N GLU A 62 21.47 5.55 0.39
CA GLU A 62 21.25 5.14 1.81
C GLU A 62 20.30 3.98 1.89
N PHE A 63 19.18 4.06 1.11
CA PHE A 63 18.23 2.94 0.95
C PHE A 63 18.96 1.70 0.50
N ARG A 64 19.85 1.79 -0.53
CA ARG A 64 20.60 0.64 -0.94
C ARG A 64 21.29 -0.10 0.22
N LYS A 65 21.83 0.75 1.13
CA LYS A 65 22.54 0.15 2.31
C LYS A 65 21.58 -0.41 3.27
N THR A 66 20.53 0.29 3.60
CA THR A 66 19.54 -0.18 4.60
C THR A 66 18.88 -1.48 4.23
N MET A 67 18.51 -1.60 2.91
CA MET A 67 17.87 -2.76 2.42
C MET A 67 18.86 -3.81 1.82
N ASP A 68 20.18 -3.52 1.86
CA ASP A 68 21.17 -4.40 1.27
C ASP A 68 20.81 -4.85 -0.17
N ILE A 69 20.54 -3.78 -0.95
CA ILE A 69 20.11 -4.02 -2.38
C ILE A 69 21.20 -4.73 -3.16
N ASP A 70 22.48 -4.49 -2.83
CA ASP A 70 23.53 -5.20 -3.45
C ASP A 70 23.37 -6.69 -3.54
N HIS A 71 22.80 -7.26 -2.42
CA HIS A 71 22.60 -8.71 -2.33
C HIS A 71 21.16 -9.20 -2.27
N ILE A 72 20.20 -8.28 -2.53
CA ILE A 72 18.81 -8.60 -2.28
C ILE A 72 18.23 -9.70 -3.21
N LEU A 73 18.79 -9.86 -4.40
CA LEU A 73 18.25 -10.92 -5.30
C LEU A 73 18.49 -12.30 -4.74
N ASP A 74 19.48 -12.41 -3.83
CA ASP A 74 19.76 -13.68 -3.09
C ASP A 74 19.04 -13.83 -1.78
N TRP A 75 18.29 -12.82 -1.38
CA TRP A 75 17.61 -12.84 -0.05
C TRP A 75 16.37 -13.68 -0.14
N GLN A 76 16.14 -14.55 0.80
CA GLN A 76 15.00 -15.46 0.84
C GLN A 76 13.97 -14.99 1.79
N PRO A 77 12.79 -14.67 1.34
CA PRO A 77 11.73 -14.27 2.26
C PRO A 77 11.29 -15.40 3.17
N PRO A 78 10.66 -15.04 4.31
CA PRO A 78 9.96 -16.12 5.07
C PRO A 78 9.08 -17.02 4.30
N GLU A 79 8.93 -18.23 4.57
CA GLU A 79 8.04 -19.17 3.89
C GLU A 79 6.60 -18.69 3.84
N VAL A 80 6.09 -18.03 4.87
CA VAL A 80 4.69 -17.59 4.86
C VAL A 80 4.52 -16.59 3.69
N ILE A 81 5.50 -15.73 3.54
CA ILE A 81 5.44 -14.74 2.36
C ILE A 81 5.52 -15.50 1.08
N GLN A 82 6.46 -16.39 0.94
CA GLN A 82 6.58 -17.19 -0.30
C GLN A 82 5.25 -17.88 -0.66
N LYS A 83 4.56 -18.48 0.33
CA LYS A 83 3.39 -19.22 0.12
C LYS A 83 2.08 -18.43 0.03
N TYR A 84 1.98 -17.31 0.72
CA TYR A 84 0.71 -16.64 0.92
C TYR A 84 0.66 -15.13 0.59
N MET A 85 1.80 -14.51 0.24
CA MET A 85 1.80 -13.11 -0.15
C MET A 85 1.38 -13.07 -1.64
N PRO A 86 0.20 -12.46 -1.93
CA PRO A 86 -0.29 -12.48 -3.39
C PRO A 86 0.62 -11.71 -4.31
N GLY A 87 0.40 -12.08 -5.55
CA GLY A 87 0.95 -11.34 -6.71
C GLY A 87 2.13 -12.04 -7.32
N GLY A 88 2.79 -11.37 -8.26
CA GLY A 88 3.97 -11.90 -8.85
C GLY A 88 4.32 -11.21 -10.17
N LEU A 89 5.48 -11.52 -10.65
CA LEU A 89 5.96 -10.96 -11.98
C LEU A 89 5.56 -11.99 -13.04
N CYS A 90 4.80 -11.48 -14.06
CA CYS A 90 4.31 -12.41 -15.09
C CYS A 90 4.09 -11.66 -16.41
N GLY A 91 4.95 -12.03 -17.39
CA GLY A 91 4.76 -11.49 -18.78
C GLY A 91 5.22 -10.07 -18.97
N TYR A 92 5.00 -9.61 -20.25
CA TYR A 92 5.52 -8.36 -20.74
C TYR A 92 4.44 -7.75 -21.63
N ASP A 93 4.35 -6.45 -21.61
CA ASP A 93 3.30 -5.73 -22.44
C ASP A 93 3.76 -5.71 -23.87
N ARG A 94 2.93 -5.01 -24.61
CA ARG A 94 3.14 -5.04 -26.09
C ARG A 94 4.38 -4.29 -26.53
N ASP A 95 4.91 -3.40 -25.66
CA ASP A 95 6.10 -2.70 -25.92
C ASP A 95 7.38 -3.36 -25.34
N GLY A 96 7.14 -4.48 -24.58
CA GLY A 96 8.26 -5.20 -23.97
C GLY A 96 8.33 -4.95 -22.43
N CYS A 97 7.47 -4.16 -21.85
CA CYS A 97 7.64 -3.72 -20.46
C CYS A 97 7.11 -4.85 -19.56
N PRO A 98 7.96 -5.22 -18.49
CA PRO A 98 7.46 -6.24 -17.58
C PRO A 98 6.23 -5.82 -16.79
N VAL A 99 5.39 -6.83 -16.55
CA VAL A 99 4.15 -6.71 -15.77
C VAL A 99 4.28 -7.35 -14.33
N TRP A 100 3.73 -6.58 -13.43
CA TRP A 100 3.75 -7.02 -11.98
C TRP A 100 2.30 -7.00 -11.48
N TYR A 101 1.83 -8.18 -11.02
CA TYR A 101 0.49 -8.34 -10.48
C TYR A 101 0.47 -8.24 -8.93
N ASP A 102 -0.60 -7.65 -8.44
CA ASP A 102 -1.00 -7.86 -7.00
C ASP A 102 -2.42 -8.26 -7.00
N ILE A 103 -2.82 -9.17 -6.17
CA ILE A 103 -4.14 -9.75 -6.07
C ILE A 103 -4.62 -9.44 -4.66
N ILE A 104 -5.42 -8.44 -4.47
CA ILE A 104 -5.70 -7.86 -3.15
C ILE A 104 -6.79 -8.64 -2.41
N GLY A 105 -7.83 -9.08 -3.06
CA GLY A 105 -8.97 -9.73 -2.45
C GLY A 105 -8.58 -10.81 -1.42
N PRO A 106 -7.79 -11.80 -1.85
CA PRO A 106 -7.49 -12.95 -1.03
C PRO A 106 -6.35 -12.78 -0.07
N LEU A 107 -5.81 -11.61 0.03
CA LEU A 107 -4.84 -11.32 1.06
C LEU A 107 -5.51 -11.57 2.43
N ASP A 108 -4.73 -12.20 3.33
CA ASP A 108 -5.17 -12.41 4.74
C ASP A 108 -4.41 -11.39 5.61
N PRO A 109 -4.99 -10.23 5.90
CA PRO A 109 -4.14 -9.16 6.50
C PRO A 109 -3.58 -9.55 7.86
N LYS A 110 -4.45 -10.01 8.76
CA LYS A 110 -3.91 -10.39 10.13
C LYS A 110 -3.08 -11.60 10.07
N GLY A 111 -3.48 -12.60 9.25
CA GLY A 111 -2.66 -13.79 9.06
C GLY A 111 -1.24 -13.44 8.68
N LEU A 112 -1.09 -12.51 7.74
CA LEU A 112 0.25 -12.10 7.29
C LEU A 112 1.00 -11.37 8.33
N LEU A 113 0.39 -10.33 8.90
N LEU A 113 0.39 -10.32 8.89
CA LEU A 113 1.14 -9.47 9.81
CA LEU A 113 1.12 -9.47 9.81
C LEU A 113 1.29 -10.11 11.23
C LEU A 113 1.38 -10.19 11.18
N PHE A 114 0.59 -11.20 11.50
CA PHE A 114 0.79 -11.99 12.75
C PHE A 114 1.80 -13.05 12.51
N SER A 115 2.27 -13.30 11.30
CA SER A 115 3.24 -14.32 10.93
C SER A 115 4.60 -13.81 10.52
N VAL A 116 4.63 -12.59 9.95
CA VAL A 116 5.86 -11.95 9.47
C VAL A 116 5.78 -10.46 9.85
N THR A 117 6.87 -9.75 9.70
CA THR A 117 6.90 -8.33 10.03
C THR A 117 6.64 -7.42 8.83
N LYS A 118 6.32 -6.18 9.11
CA LYS A 118 6.24 -5.16 8.08
C LYS A 118 7.57 -5.12 7.32
N GLN A 119 8.67 -5.18 8.02
CA GLN A 119 9.98 -5.10 7.31
CA GLN A 119 10.03 -5.26 7.54
C GLN A 119 10.24 -6.30 6.43
N ASP A 120 9.80 -7.52 6.78
CA ASP A 120 9.92 -8.69 5.90
C ASP A 120 9.02 -8.44 4.65
N LEU A 121 7.86 -7.88 4.82
CA LEU A 121 6.96 -7.61 3.65
C LEU A 121 7.62 -6.58 2.79
N LEU A 122 8.08 -5.49 3.32
CA LEU A 122 8.69 -4.43 2.51
C LEU A 122 9.92 -4.89 1.83
N LYS A 123 10.78 -5.69 2.48
CA LYS A 123 11.98 -6.19 1.89
C LYS A 123 11.62 -7.15 0.69
N THR A 124 10.58 -7.93 0.83
CA THR A 124 10.09 -8.79 -0.23
C THR A 124 9.68 -7.87 -1.44
N LYS A 125 8.98 -6.85 -1.13
CA LYS A 125 8.51 -5.91 -2.26
C LYS A 125 9.73 -5.33 -2.84
N MET A 126 10.77 -4.93 -2.17
CA MET A 126 11.97 -4.35 -2.76
C MET A 126 12.74 -5.38 -3.53
N ARG A 127 12.79 -6.63 -3.09
CA ARG A 127 13.37 -7.73 -3.86
CA ARG A 127 13.36 -7.70 -3.84
C ARG A 127 12.62 -7.82 -5.21
N ASP A 128 11.32 -7.73 -5.16
CA ASP A 128 10.51 -7.80 -6.45
C ASP A 128 10.85 -6.56 -7.24
N CYS A 129 11.05 -5.41 -6.72
CA CYS A 129 11.52 -4.21 -7.47
C CYS A 129 12.78 -4.54 -8.19
N GLU A 130 13.78 -5.10 -7.54
CA GLU A 130 15.04 -5.40 -8.09
C GLU A 130 14.92 -6.53 -9.16
N ARG A 131 14.07 -7.51 -8.94
CA ARG A 131 13.79 -8.57 -9.93
C ARG A 131 13.18 -7.94 -11.20
N ILE A 132 12.30 -7.04 -11.02
CA ILE A 132 11.57 -6.46 -12.27
C ILE A 132 12.56 -5.57 -12.86
N LEU A 133 13.41 -4.85 -12.27
CA LEU A 133 14.44 -4.08 -12.91
CA LEU A 133 14.47 -4.08 -12.92
C LEU A 133 15.38 -5.00 -13.72
N HIS A 134 15.76 -6.14 -13.16
CA HIS A 134 16.57 -7.11 -13.90
C HIS A 134 15.80 -7.60 -15.15
N GLU A 135 14.49 -7.80 -15.05
CA GLU A 135 13.67 -8.19 -16.25
C GLU A 135 13.75 -7.02 -17.25
N CYS A 136 13.71 -5.79 -16.83
CA CYS A 136 13.88 -4.63 -17.77
C CYS A 136 15.23 -4.72 -18.49
N ASP A 137 16.31 -5.02 -17.74
CA ASP A 137 17.64 -5.09 -18.33
C ASP A 137 17.73 -6.27 -19.29
N LEU A 138 17.15 -7.43 -18.99
CA LEU A 138 17.16 -8.58 -19.85
C LEU A 138 16.27 -8.28 -21.12
N GLN A 139 15.13 -7.67 -20.92
CA GLN A 139 14.27 -7.26 -22.13
C GLN A 139 15.05 -6.31 -22.96
N THR A 140 15.79 -5.43 -22.47
CA THR A 140 16.60 -4.51 -23.24
C THR A 140 17.54 -5.33 -24.11
N GLU A 141 18.23 -6.31 -23.60
CA GLU A 141 19.07 -7.20 -24.33
C GLU A 141 18.30 -7.97 -25.42
N ARG A 142 17.17 -8.54 -25.07
CA ARG A 142 16.41 -9.40 -25.95
C ARG A 142 15.91 -8.55 -27.16
N LEU A 143 15.48 -7.35 -26.88
CA LEU A 143 14.62 -6.56 -27.89
C LEU A 143 15.46 -5.57 -28.63
N GLY A 144 16.61 -5.20 -28.24
CA GLY A 144 17.44 -4.22 -28.92
C GLY A 144 16.89 -2.80 -28.80
N LYS A 145 16.13 -2.52 -27.76
CA LYS A 145 15.61 -1.22 -27.44
C LYS A 145 15.55 -1.09 -25.91
N LYS A 146 15.60 0.11 -25.43
CA LYS A 146 15.66 0.30 -23.95
C LYS A 146 14.31 0.09 -23.31
N ILE A 147 14.28 -0.90 -22.37
CA ILE A 147 13.16 -1.12 -21.50
C ILE A 147 13.58 -0.70 -20.07
N GLU A 148 12.84 0.26 -19.51
CA GLU A 148 13.13 0.70 -18.13
C GLU A 148 11.89 1.04 -17.32
N THR A 149 10.70 0.66 -17.82
CA THR A 149 9.46 0.94 -17.16
C THR A 149 8.61 -0.29 -17.11
N ILE A 150 7.67 -0.25 -16.15
CA ILE A 150 6.89 -1.43 -15.80
C ILE A 150 5.37 -1.13 -15.74
N VAL A 151 4.59 -2.18 -15.92
CA VAL A 151 3.16 -2.13 -15.80
C VAL A 151 2.77 -2.87 -14.49
N MET A 152 2.04 -2.14 -13.64
CA MET A 152 1.53 -2.75 -12.42
C MET A 152 0.04 -2.95 -12.57
N ILE A 153 -0.43 -4.16 -12.33
CA ILE A 153 -1.85 -4.54 -12.32
C ILE A 153 -2.26 -4.84 -10.85
N PHE A 154 -3.25 -4.15 -10.42
CA PHE A 154 -3.89 -4.39 -9.12
C PHE A 154 -5.24 -4.96 -9.33
N ASP A 155 -5.44 -6.23 -9.07
CA ASP A 155 -6.71 -6.88 -9.11
C ASP A 155 -7.41 -6.62 -7.77
N CYS A 156 -8.35 -5.71 -7.80
CA CYS A 156 -9.06 -5.20 -6.66
C CYS A 156 -10.36 -5.88 -6.38
N GLU A 157 -10.65 -6.96 -7.09
CA GLU A 157 -11.80 -7.80 -6.73
C GLU A 157 -11.77 -8.19 -5.28
N GLY A 158 -12.89 -7.98 -4.63
CA GLY A 158 -12.89 -8.39 -3.19
C GLY A 158 -12.22 -7.39 -2.25
N LEU A 159 -11.81 -6.23 -2.72
CA LEU A 159 -11.34 -5.14 -1.87
C LEU A 159 -12.49 -4.75 -0.93
N GLY A 160 -12.18 -4.78 0.34
CA GLY A 160 -13.21 -4.52 1.32
C GLY A 160 -12.69 -4.11 2.68
N LEU A 161 -13.62 -4.16 3.63
CA LEU A 161 -13.31 -3.59 4.97
C LEU A 161 -12.13 -4.28 5.67
N LYS A 162 -11.92 -5.59 5.40
CA LYS A 162 -10.76 -6.24 6.04
C LYS A 162 -9.45 -5.62 5.68
N HIS A 163 -9.39 -4.98 4.47
CA HIS A 163 -8.16 -4.47 4.00
C HIS A 163 -7.77 -3.14 4.61
N PHE A 164 -8.69 -2.54 5.39
CA PHE A 164 -8.47 -1.24 5.97
C PHE A 164 -7.94 -1.28 7.45
N TRP A 165 -7.64 -2.50 7.85
CA TRP A 165 -6.92 -2.67 9.11
C TRP A 165 -5.62 -1.94 9.07
N LYS A 166 -5.37 -1.04 10.04
CA LYS A 166 -4.34 -0.08 9.93
C LYS A 166 -2.94 -0.64 9.67
N PRO A 167 -2.51 -1.74 10.39
CA PRO A 167 -1.21 -2.25 10.13
C PRO A 167 -0.94 -2.68 8.69
N LEU A 168 -2.00 -3.21 8.03
CA LEU A 168 -1.83 -3.59 6.58
C LEU A 168 -1.77 -2.32 5.74
N VAL A 169 -2.66 -1.39 6.00
CA VAL A 169 -2.63 -0.10 5.26
C VAL A 169 -1.25 0.51 5.30
N GLU A 170 -0.59 0.51 6.52
CA GLU A 170 0.71 1.05 6.68
C GLU A 170 1.81 0.38 5.80
N VAL A 171 1.72 -0.91 5.60
CA VAL A 171 2.67 -1.65 4.77
C VAL A 171 2.55 -1.08 3.35
N TYR A 172 1.29 -1.03 2.91
CA TYR A 172 1.08 -0.56 1.49
C TYR A 172 1.49 0.89 1.35
N GLN A 173 1.16 1.76 2.27
CA GLN A 173 1.63 3.15 2.24
C GLN A 173 3.13 3.25 2.06
N GLU A 174 3.86 2.51 2.94
CA GLU A 174 5.31 2.51 2.97
C GLU A 174 5.89 1.92 1.64
N PHE A 175 5.25 0.90 1.11
CA PHE A 175 5.63 0.36 -0.18
C PHE A 175 5.53 1.44 -1.30
N PHE A 176 4.42 2.10 -1.33
CA PHE A 176 4.29 3.18 -2.43
C PHE A 176 5.31 4.26 -2.20
N GLY A 177 5.53 4.62 -0.95
CA GLY A 177 6.54 5.62 -0.63
C GLY A 177 7.94 5.19 -1.02
N LEU A 178 8.29 3.95 -0.77
CA LEU A 178 9.56 3.43 -1.20
C LEU A 178 9.75 3.47 -2.75
N LEU A 179 8.65 3.14 -3.44
CA LEU A 179 8.71 3.24 -4.93
C LEU A 179 8.96 4.68 -5.37
N GLU A 180 8.32 5.63 -4.75
CA GLU A 180 8.53 7.03 -5.17
C GLU A 180 9.87 7.57 -4.91
N GLU A 181 10.46 7.15 -3.74
CA GLU A 181 11.75 7.63 -3.37
C GLU A 181 12.91 6.93 -4.13
N ASN A 182 12.73 5.63 -4.41
CA ASN A 182 13.83 4.84 -4.83
C ASN A 182 13.82 4.29 -6.31
N TYR A 183 12.59 4.40 -6.83
CA TYR A 183 12.32 3.86 -8.22
C TYR A 183 11.63 4.95 -9.06
N PRO A 184 12.09 6.14 -9.03
CA PRO A 184 11.37 7.23 -9.80
C PRO A 184 11.49 6.88 -11.31
N GLU A 185 10.40 7.35 -11.98
CA GLU A 185 10.40 7.27 -13.48
C GLU A 185 10.51 5.86 -13.96
N THR A 186 9.94 4.88 -13.18
CA THR A 186 9.92 3.50 -13.53
C THR A 186 8.54 2.98 -13.95
N LEU A 187 7.50 3.67 -13.52
CA LEU A 187 6.16 3.25 -13.76
C LEU A 187 5.67 3.70 -15.14
N LYS A 188 5.15 2.73 -15.90
CA LYS A 188 4.45 3.05 -17.19
C LYS A 188 3.00 3.30 -16.91
N PHE A 189 2.28 2.28 -16.37
CA PHE A 189 0.89 2.41 -16.00
C PHE A 189 0.62 1.56 -14.76
N MET A 190 -0.30 2.02 -13.92
CA MET A 190 -0.80 1.19 -12.78
C MET A 190 -2.30 1.00 -13.20
N LEU A 191 -2.68 -0.24 -13.47
CA LEU A 191 -4.00 -0.62 -13.96
C LEU A 191 -4.81 -1.22 -12.78
N ILE A 192 -5.93 -0.66 -12.52
CA ILE A 192 -6.84 -1.12 -11.44
C ILE A 192 -7.98 -1.87 -12.05
N VAL A 193 -8.10 -3.14 -11.79
CA VAL A 193 -9.16 -4.02 -12.31
C VAL A 193 -10.10 -4.47 -11.30
N LYS A 194 -11.35 -4.54 -11.62
CA LYS A 194 -12.39 -5.08 -10.76
C LYS A 194 -12.50 -4.36 -9.40
N ALA A 195 -12.21 -3.05 -9.41
CA ALA A 195 -12.41 -2.33 -8.18
C ALA A 195 -13.85 -2.27 -7.71
N THR A 196 -13.95 -2.33 -6.34
CA THR A 196 -15.20 -2.28 -5.64
C THR A 196 -15.57 -0.86 -5.26
N LYS A 197 -16.76 -0.70 -4.67
CA LYS A 197 -17.25 0.59 -4.22
C LYS A 197 -16.37 1.20 -3.09
N LEU A 198 -15.56 0.34 -2.40
CA LEU A 198 -14.64 0.82 -1.45
C LEU A 198 -13.31 1.34 -1.99
N PHE A 199 -13.08 1.23 -3.34
CA PHE A 199 -11.88 1.70 -3.89
C PHE A 199 -11.55 3.20 -3.58
N PRO A 200 -12.55 4.12 -3.70
CA PRO A 200 -12.17 5.53 -3.36
C PRO A 200 -11.55 5.72 -1.93
N VAL A 201 -12.04 4.91 -0.95
CA VAL A 201 -11.44 5.03 0.40
C VAL A 201 -10.02 4.46 0.39
N GLY A 202 -9.85 3.30 -0.25
CA GLY A 202 -8.56 2.65 -0.30
C GLY A 202 -7.54 3.53 -1.00
N TYR A 203 -7.99 4.06 -2.18
CA TYR A 203 -7.10 4.96 -2.85
C TYR A 203 -6.67 6.18 -2.11
N ASN A 204 -7.61 6.78 -1.40
CA ASN A 204 -7.29 7.94 -0.59
C ASN A 204 -6.25 7.64 0.52
N LEU A 205 -6.25 6.39 0.99
CA LEU A 205 -5.21 6.00 1.96
C LEU A 205 -3.84 5.99 1.38
N MET A 206 -3.75 5.65 0.06
CA MET A 206 -2.46 5.59 -0.62
C MET A 206 -2.01 6.92 -1.23
N LYS A 207 -3.01 7.74 -1.55
CA LYS A 207 -2.77 8.96 -2.36
C LYS A 207 -1.63 9.85 -1.88
N PRO A 208 -1.51 10.07 -0.53
CA PRO A 208 -0.46 10.93 -0.09
C PRO A 208 0.97 10.44 -0.37
N PHE A 209 1.07 9.16 -0.66
CA PHE A 209 2.31 8.47 -0.91
C PHE A 209 2.62 8.29 -2.38
N LEU A 210 1.68 8.78 -3.24
CA LEU A 210 1.87 8.70 -4.71
C LEU A 210 2.28 10.10 -5.22
N SER A 211 3.28 10.10 -6.09
CA SER A 211 3.73 11.31 -6.76
C SER A 211 2.64 11.70 -7.79
N GLU A 212 2.72 12.99 -8.20
CA GLU A 212 1.82 13.46 -9.27
CA GLU A 212 1.85 13.45 -9.29
C GLU A 212 2.08 12.61 -10.55
N ASP A 213 3.31 12.28 -10.84
CA ASP A 213 3.64 11.42 -11.99
C ASP A 213 2.92 10.10 -11.94
N THR A 214 2.99 9.42 -10.75
CA THR A 214 2.30 8.18 -10.59
C THR A 214 0.80 8.36 -10.73
N ARG A 215 0.23 9.37 -10.09
CA ARG A 215 -1.21 9.55 -10.12
C ARG A 215 -1.73 9.69 -11.59
N ARG A 216 -0.95 10.37 -12.42
CA ARG A 216 -1.34 10.49 -13.83
C ARG A 216 -1.32 9.22 -14.62
N LYS A 217 -0.66 8.18 -14.07
CA LYS A 217 -0.47 6.88 -14.68
C LYS A 217 -1.39 5.80 -14.20
N ILE A 218 -2.32 6.19 -13.30
CA ILE A 218 -3.28 5.24 -12.76
C ILE A 218 -4.51 5.23 -13.64
N ILE A 219 -4.84 4.03 -14.11
CA ILE A 219 -6.02 3.81 -14.99
C ILE A 219 -6.96 2.86 -14.29
N VAL A 220 -8.18 3.30 -14.05
CA VAL A 220 -9.23 2.54 -13.40
C VAL A 220 -10.07 1.94 -14.54
N LEU A 221 -10.01 0.65 -14.75
CA LEU A 221 -10.70 -0.02 -15.82
C LEU A 221 -12.14 -0.38 -15.33
N GLY A 222 -13.06 -0.48 -16.29
CA GLY A 222 -14.47 -0.76 -15.99
C GLY A 222 -14.86 -2.22 -16.27
N ASN A 223 -16.13 -2.37 -16.66
CA ASN A 223 -16.68 -3.67 -16.91
C ASN A 223 -15.94 -4.44 -18.03
N ASN A 224 -15.35 -3.69 -18.98
CA ASN A 224 -14.66 -4.26 -20.10
C ASN A 224 -13.14 -4.32 -19.88
N TRP A 225 -12.81 -4.59 -18.63
CA TRP A 225 -11.39 -4.61 -18.22
C TRP A 225 -10.50 -5.63 -18.93
N LYS A 226 -11.06 -6.77 -19.33
CA LYS A 226 -10.26 -7.76 -20.08
C LYS A 226 -9.81 -7.16 -21.45
N GLU A 227 -10.75 -6.53 -22.15
CA GLU A 227 -10.45 -5.82 -23.44
C GLU A 227 -9.44 -4.76 -23.19
N GLY A 228 -9.56 -4.04 -22.06
CA GLY A 228 -8.63 -2.96 -21.72
C GLY A 228 -7.22 -3.51 -21.51
N LEU A 229 -7.08 -4.65 -20.80
CA LEU A 229 -5.79 -5.24 -20.63
C LEU A 229 -5.18 -5.72 -21.95
N LEU A 230 -6.05 -6.31 -22.81
CA LEU A 230 -5.58 -6.81 -24.11
C LEU A 230 -5.11 -5.70 -25.05
N LYS A 231 -5.63 -4.47 -24.87
CA LYS A 231 -5.09 -3.35 -25.62
C LYS A 231 -3.63 -3.10 -25.36
N LEU A 232 -3.22 -3.44 -24.10
CA LEU A 232 -1.87 -3.16 -23.58
C LEU A 232 -0.90 -4.33 -23.61
N ILE A 233 -1.45 -5.53 -23.49
CA ILE A 233 -0.71 -6.76 -23.31
C ILE A 233 -1.26 -7.79 -24.29
N SER A 234 -0.40 -8.43 -25.06
CA SER A 234 -0.86 -9.41 -26.07
C SER A 234 -1.45 -10.64 -25.35
N PRO A 235 -2.37 -11.38 -25.90
CA PRO A 235 -3.02 -12.50 -25.22
C PRO A 235 -2.00 -13.53 -24.79
N GLU A 236 -0.96 -13.77 -25.58
CA GLU A 236 0.01 -14.79 -25.22
C GLU A 236 0.89 -14.37 -23.98
N GLU A 237 0.82 -13.10 -23.59
CA GLU A 237 1.55 -12.56 -22.43
C GLU A 237 0.65 -12.25 -21.24
N LEU A 238 -0.62 -12.53 -21.35
CA LEU A 238 -1.66 -12.13 -20.40
C LEU A 238 -2.30 -13.43 -19.90
N PRO A 239 -2.21 -13.71 -18.57
CA PRO A 239 -2.88 -14.86 -18.07
C PRO A 239 -4.32 -14.97 -18.53
N ALA A 240 -4.74 -16.22 -18.82
CA ALA A 240 -6.15 -16.46 -19.14
C ALA A 240 -7.09 -15.98 -18.04
N GLN A 241 -6.63 -16.02 -16.75
CA GLN A 241 -7.40 -15.47 -15.69
C GLN A 241 -7.75 -13.99 -15.87
N PHE A 242 -6.89 -13.28 -16.62
CA PHE A 242 -7.02 -11.83 -16.81
C PHE A 242 -7.43 -11.48 -18.24
N GLY A 243 -7.89 -12.50 -19.01
CA GLY A 243 -8.40 -12.25 -20.36
C GLY A 243 -7.55 -12.72 -21.49
N GLY A 244 -6.37 -13.21 -21.25
CA GLY A 244 -5.45 -13.68 -22.28
C GLY A 244 -5.53 -15.18 -22.54
N THR A 245 -4.45 -15.70 -23.05
CA THR A 245 -4.32 -17.15 -23.33
C THR A 245 -3.14 -17.78 -22.63
N LEU A 246 -2.42 -16.99 -21.79
CA LEU A 246 -1.26 -17.55 -21.10
C LEU A 246 -1.72 -18.43 -19.93
N THR A 247 -1.08 -19.60 -19.84
CA THR A 247 -1.38 -20.54 -18.78
C THR A 247 -0.12 -21.12 -18.16
N ASP A 248 -0.31 -21.81 -17.00
CA ASP A 248 0.76 -22.67 -16.54
C ASP A 248 1.00 -23.83 -17.55
N PRO A 249 2.13 -24.55 -17.40
CA PRO A 249 2.42 -25.68 -18.28
C PRO A 249 1.27 -26.72 -18.31
N ASP A 250 0.56 -26.91 -17.18
CA ASP A 250 -0.56 -27.83 -17.11
C ASP A 250 -1.91 -27.27 -17.61
N GLY A 251 -1.89 -26.03 -18.07
CA GLY A 251 -3.05 -25.41 -18.56
C GLY A 251 -3.79 -24.52 -17.62
N ASN A 252 -3.34 -24.46 -16.34
CA ASN A 252 -4.05 -23.63 -15.34
C ASN A 252 -4.10 -22.14 -15.78
N PRO A 253 -5.29 -21.58 -15.93
CA PRO A 253 -5.36 -20.19 -16.35
C PRO A 253 -4.87 -19.14 -15.42
N LYS A 254 -4.73 -19.53 -14.15
CA LYS A 254 -4.26 -18.61 -13.13
C LYS A 254 -2.78 -18.33 -13.21
N CYS A 255 -2.00 -19.13 -13.93
CA CYS A 255 -0.55 -18.92 -13.97
C CYS A 255 0.07 -18.93 -12.55
N LEU A 256 -0.32 -19.97 -11.83
CA LEU A 256 0.16 -20.14 -10.45
C LEU A 256 1.65 -20.26 -10.28
N THR A 257 2.33 -20.69 -11.34
CA THR A 257 3.78 -20.77 -11.33
C THR A 257 4.48 -19.42 -11.22
N LYS A 258 3.73 -18.35 -11.55
CA LYS A 258 4.25 -17.01 -11.40
C LYS A 258 3.47 -16.05 -10.54
N ILE A 259 2.19 -16.32 -10.33
CA ILE A 259 1.29 -15.41 -9.62
C ILE A 259 0.71 -16.18 -8.40
N ASN A 260 0.89 -15.56 -7.24
CA ASN A 260 0.31 -16.11 -5.97
C ASN A 260 -1.10 -15.48 -5.74
N TYR A 261 -2.00 -16.31 -5.29
CA TYR A 261 -3.39 -15.89 -5.05
C TYR A 261 -3.78 -15.85 -3.58
N GLY A 262 -2.77 -15.73 -2.70
CA GLY A 262 -3.04 -15.49 -1.29
C GLY A 262 -3.77 -16.68 -0.60
N GLY A 263 -4.73 -16.32 0.22
CA GLY A 263 -5.43 -17.30 0.98
C GLY A 263 -5.16 -17.16 2.49
N GLU A 264 -5.98 -17.91 3.24
CA GLU A 264 -5.89 -17.85 4.72
C GLU A 264 -4.63 -18.57 5.20
N ILE A 265 -3.88 -17.85 6.01
CA ILE A 265 -2.61 -18.40 6.62
C ILE A 265 -2.95 -19.29 7.81
N PRO A 266 -2.43 -20.53 7.82
CA PRO A 266 -2.58 -21.43 9.00
C PRO A 266 -2.18 -20.72 10.28
N LYS A 267 -3.06 -20.82 11.26
CA LYS A 267 -2.79 -20.22 12.61
C LYS A 267 -1.52 -20.77 13.25
N SER A 268 -1.13 -21.99 12.86
CA SER A 268 0.12 -22.60 13.31
C SER A 268 1.32 -21.83 12.86
N MET A 269 1.14 -20.91 11.87
CA MET A 269 2.28 -20.13 11.43
C MET A 269 2.41 -18.77 12.14
N TYR A 270 1.49 -18.41 12.99
CA TYR A 270 1.50 -17.14 13.64
C TYR A 270 2.62 -17.05 14.66
N VAL A 271 3.26 -15.89 14.74
N VAL A 271 3.24 -15.89 14.69
CA VAL A 271 4.25 -15.57 15.78
CA VAL A 271 4.23 -15.58 15.66
C VAL A 271 3.79 -14.61 16.89
C VAL A 271 3.65 -14.85 16.90
N ARG A 272 2.64 -14.02 16.66
CA ARG A 272 2.00 -13.12 17.55
CA ARG A 272 2.03 -13.09 17.55
C ARG A 272 0.52 -13.10 17.31
N ASP A 273 -0.21 -12.52 18.26
CA ASP A 273 -1.69 -12.40 18.17
C ASP A 273 -2.16 -10.95 18.04
N GLN A 274 -1.25 -10.00 17.90
CA GLN A 274 -1.54 -8.57 17.85
C GLN A 274 -0.27 -7.85 17.46
N VAL A 275 -0.42 -6.65 16.93
CA VAL A 275 0.73 -5.81 16.71
C VAL A 275 0.66 -4.67 17.77
N LYS A 276 1.81 -4.14 18.11
CA LYS A 276 1.94 -3.07 19.09
C LYS A 276 1.26 -1.85 18.59
N THR A 277 0.52 -1.19 19.44
CA THR A 277 -0.02 0.14 19.05
C THR A 277 -0.20 1.04 20.24
N GLN A 278 -0.27 2.29 20.00
CA GLN A 278 -0.51 3.34 20.94
C GLN A 278 -1.96 3.83 20.59
N TYR A 279 -2.60 4.44 21.55
CA TYR A 279 -3.93 4.93 21.45
C TYR A 279 -4.02 6.42 21.58
N GLU A 280 -4.98 7.03 20.87
CA GLU A 280 -5.13 8.46 20.95
C GLU A 280 -5.73 8.97 22.24
N HIS A 281 -6.59 8.15 22.86
CA HIS A 281 -7.33 8.54 24.06
C HIS A 281 -7.33 7.43 25.09
N SER A 282 -7.43 7.90 26.35
CA SER A 282 -7.70 6.91 27.42
C SER A 282 -8.66 7.62 28.37
N VAL A 283 -9.67 6.92 28.80
CA VAL A 283 -10.70 7.46 29.67
C VAL A 283 -10.92 6.47 30.85
N GLN A 284 -11.36 7.05 31.96
CA GLN A 284 -11.82 6.34 33.08
C GLN A 284 -13.32 6.34 33.09
N ILE A 285 -13.93 5.17 33.18
CA ILE A 285 -15.37 5.09 33.19
C ILE A 285 -15.82 4.50 34.55
N ASN A 286 -16.93 4.97 35.16
N ASN A 286 -16.38 5.44 35.31
CA ASN A 286 -17.54 4.25 36.33
CA ASN A 286 -16.86 5.02 36.63
C ASN A 286 -18.23 2.89 36.11
C ASN A 286 -17.66 3.75 36.42
N ARG A 287 -18.21 1.97 37.14
N ARG A 287 -17.59 2.87 37.42
CA ARG A 287 -19.04 0.75 37.13
CA ARG A 287 -18.34 1.66 37.36
C ARG A 287 -20.46 1.08 36.67
C ARG A 287 -19.80 1.95 37.06
N GLY A 288 -21.03 0.33 35.70
N GLY A 288 -20.36 1.14 36.18
CA GLY A 288 -22.31 0.63 35.18
CA GLY A 288 -21.79 1.16 35.79
C GLY A 288 -22.39 2.07 34.42
C GLY A 288 -22.22 1.95 34.50
N SER A 289 -21.29 2.85 34.20
CA SER A 289 -21.48 4.04 33.36
C SER A 289 -21.00 3.71 31.92
N SER A 290 -20.86 4.78 31.17
CA SER A 290 -20.51 4.75 29.73
C SER A 290 -19.73 6.01 29.38
N HIS A 291 -19.05 5.84 28.19
CA HIS A 291 -18.34 6.95 27.60
C HIS A 291 -18.54 6.81 26.05
N GLN A 292 -18.79 7.98 25.45
CA GLN A 292 -18.93 7.92 23.94
C GLN A 292 -18.25 9.09 23.29
N VAL A 293 -18.07 8.88 21.94
CA VAL A 293 -17.60 9.94 21.08
C VAL A 293 -18.61 9.95 19.91
N GLU A 294 -18.61 11.14 19.26
CA GLU A 294 -19.63 11.33 18.19
C GLU A 294 -18.96 11.97 16.97
N TYR A 295 -19.40 11.51 15.80
CA TYR A 295 -18.89 12.01 14.52
C TYR A 295 -20.11 12.47 13.67
N GLU A 296 -20.02 13.74 13.26
CA GLU A 296 -21.03 14.30 12.39
C GLU A 296 -20.58 14.03 10.91
N ILE A 297 -21.25 13.06 10.30
CA ILE A 297 -20.95 12.63 8.94
C ILE A 297 -21.97 13.23 7.97
N LEU A 298 -21.44 14.09 7.09
CA LEU A 298 -22.36 14.70 6.04
C LEU A 298 -22.32 13.92 4.74
N PHE A 299 -21.24 13.24 4.47
CA PHE A 299 -20.94 12.70 3.10
C PHE A 299 -20.80 11.19 3.22
N PRO A 300 -21.83 10.44 2.86
CA PRO A 300 -21.79 8.99 2.94
C PRO A 300 -20.63 8.40 2.15
N GLY A 301 -20.14 7.23 2.62
CA GLY A 301 -19.11 6.49 2.01
C GLY A 301 -17.77 6.44 2.65
N CYS A 302 -17.60 7.27 3.67
CA CYS A 302 -16.42 7.20 4.50
C CYS A 302 -16.56 5.94 5.40
N VAL A 303 -15.36 5.51 5.90
CA VAL A 303 -15.26 4.35 6.76
C VAL A 303 -14.85 4.79 8.18
N LEU A 304 -15.67 4.37 9.12
CA LEU A 304 -15.33 4.57 10.54
CA LEU A 304 -15.32 4.58 10.57
C LEU A 304 -14.48 3.38 11.01
N ARG A 305 -13.34 3.69 11.61
CA ARG A 305 -12.40 2.65 11.99
C ARG A 305 -11.99 2.93 13.48
N TRP A 306 -11.98 1.80 14.23
CA TRP A 306 -11.68 1.93 15.69
C TRP A 306 -10.77 0.78 16.14
N GLN A 307 -10.10 1.12 17.30
CA GLN A 307 -9.35 0.05 18.00
C GLN A 307 -9.47 0.48 19.47
N PHE A 308 -9.60 -0.54 20.37
CA PHE A 308 -9.61 -0.28 21.79
C PHE A 308 -9.02 -1.46 22.54
N SER A 309 -8.56 -1.05 23.75
CA SER A 309 -7.91 -1.98 24.75
C SER A 309 -8.41 -1.58 26.12
N SER A 310 -8.65 -2.63 26.93
CA SER A 310 -9.04 -2.34 28.31
C SER A 310 -8.66 -3.53 29.18
N ASP A 311 -7.76 -3.24 30.14
CA ASP A 311 -7.38 -4.27 31.13
C ASP A 311 -8.53 -4.62 32.01
N GLY A 312 -8.42 -5.83 32.54
CA GLY A 312 -9.46 -6.27 33.46
C GLY A 312 -10.65 -7.00 32.82
N ALA A 313 -11.83 -6.51 33.15
CA ALA A 313 -13.06 -7.15 32.75
C ALA A 313 -13.35 -6.82 31.26
N ASP A 314 -14.33 -7.55 30.72
CA ASP A 314 -14.82 -7.22 29.39
C ASP A 314 -15.42 -5.80 29.38
N ILE A 315 -15.53 -5.24 28.19
CA ILE A 315 -16.11 -3.93 27.99
C ILE A 315 -17.21 -4.04 26.90
N GLY A 316 -18.27 -3.30 27.09
CA GLY A 316 -19.33 -3.16 26.06
C GLY A 316 -19.00 -2.13 25.08
N PHE A 317 -19.32 -2.41 23.86
CA PHE A 317 -19.08 -1.40 22.75
C PHE A 317 -20.15 -1.58 21.65
N GLY A 318 -20.61 -0.46 21.15
CA GLY A 318 -21.57 -0.46 20.05
C GLY A 318 -21.48 0.87 19.31
N VAL A 319 -22.09 0.89 18.11
CA VAL A 319 -22.19 2.10 17.29
C VAL A 319 -23.65 2.33 16.96
N PHE A 320 -24.05 3.58 17.08
CA PHE A 320 -25.45 4.02 16.88
C PHE A 320 -25.47 5.23 15.94
N LEU A 321 -26.66 5.48 15.39
CA LEU A 321 -26.84 6.64 14.48
C LEU A 321 -28.01 7.47 15.00
N LYS A 322 -27.77 8.77 15.12
CA LYS A 322 -28.86 9.73 15.40
C LYS A 322 -28.85 10.84 14.33
N THR A 323 -29.90 11.67 14.37
CA THR A 323 -30.06 12.70 13.29
C THR A 323 -29.13 13.89 13.46
N LYS A 324 -28.86 14.30 14.70
CA LYS A 324 -28.15 15.56 14.89
C LYS A 324 -27.53 15.57 16.30
N MET A 325 -26.56 16.43 16.46
CA MET A 325 -25.90 16.58 17.75
C MET A 325 -26.87 17.09 18.78
N GLY A 326 -26.73 16.55 20.03
CA GLY A 326 -27.63 16.97 21.13
C GLY A 326 -27.40 16.17 22.32
N GLU A 327 -28.36 16.21 23.27
CA GLU A 327 -28.18 15.55 24.55
C GLU A 327 -28.15 14.04 24.40
N ARG A 328 -27.53 13.38 25.36
CA ARG A 328 -27.35 11.93 25.27
C ARG A 328 -28.63 11.19 25.02
N GLN A 329 -28.59 10.34 23.99
CA GLN A 329 -29.72 9.48 23.63
C GLN A 329 -29.52 8.09 24.16
N ARG A 330 -30.63 7.47 24.55
CA ARG A 330 -30.62 6.02 24.85
C ARG A 330 -30.45 5.23 23.53
N ALA A 331 -29.82 4.09 23.63
CA ALA A 331 -29.59 3.14 22.52
C ALA A 331 -30.87 2.90 21.73
N GLY A 332 -32.01 2.72 22.47
CA GLY A 332 -33.30 2.44 21.85
C GLY A 332 -33.94 3.62 21.15
N GLU A 333 -33.41 4.83 21.41
CA GLU A 333 -33.86 6.07 20.70
C GLU A 333 -33.10 6.34 19.41
N MET A 334 -32.08 5.54 19.12
CA MET A 334 -31.19 5.80 18.02
C MET A 334 -31.34 4.62 17.00
N THR A 335 -30.79 4.77 15.84
CA THR A 335 -30.77 3.72 14.82
C THR A 335 -29.55 2.84 15.19
N GLU A 336 -29.83 1.54 15.44
CA GLU A 336 -28.71 0.67 15.72
C GLU A 336 -27.89 0.60 14.37
N VAL A 337 -26.59 0.63 14.47
CA VAL A 337 -25.65 0.44 13.38
C VAL A 337 -24.89 -0.85 13.67
N LEU A 338 -24.27 -0.88 14.85
CA LEU A 338 -23.58 -2.04 15.36
C LEU A 338 -24.05 -2.24 16.85
N PRO A 339 -25.00 -3.14 17.07
CA PRO A 339 -25.57 -3.30 18.35
C PRO A 339 -24.46 -3.65 19.36
N SER A 340 -24.60 -3.13 20.55
CA SER A 340 -23.61 -3.28 21.60
C SER A 340 -23.45 -4.75 21.97
N GLN A 341 -22.21 -5.12 22.19
CA GLN A 341 -21.85 -6.43 22.67
C GLN A 341 -20.71 -6.31 23.65
N ARG A 342 -20.50 -7.42 24.34
CA ARG A 342 -19.45 -7.60 25.30
C ARG A 342 -18.19 -8.05 24.57
N TYR A 343 -17.08 -7.38 24.82
CA TYR A 343 -15.80 -7.68 24.21
C TYR A 343 -14.70 -7.90 25.28
N ASN A 344 -13.87 -8.93 25.11
CA ASN A 344 -12.64 -9.07 25.81
C ASN A 344 -11.61 -8.30 25.07
N ALA A 345 -11.29 -7.14 25.56
CA ALA A 345 -10.25 -6.25 25.02
C ALA A 345 -8.99 -6.20 25.88
N HIS A 346 -8.85 -7.20 26.80
CA HIS A 346 -7.66 -7.21 27.62
C HIS A 346 -6.52 -8.02 27.03
N MET A 347 -6.75 -9.21 26.58
CA MET A 347 -5.60 -10.05 26.06
C MET A 347 -5.13 -9.56 24.73
N VAL A 348 -6.10 -9.17 23.89
N VAL A 348 -6.10 -9.14 23.91
CA VAL A 348 -5.79 -8.66 22.54
CA VAL A 348 -5.82 -8.69 22.53
C VAL A 348 -6.74 -7.49 22.34
C VAL A 348 -6.76 -7.52 22.29
N PRO A 349 -6.27 -6.46 21.58
CA PRO A 349 -7.17 -5.32 21.34
C PRO A 349 -8.28 -5.71 20.43
N GLU A 350 -9.37 -4.95 20.52
CA GLU A 350 -10.51 -5.13 19.61
CA GLU A 350 -10.54 -5.10 19.64
C GLU A 350 -10.39 -3.99 18.57
N ASP A 351 -10.61 -4.39 17.33
CA ASP A 351 -10.60 -3.42 16.24
C ASP A 351 -11.77 -3.75 15.31
N GLY A 352 -12.23 -2.73 14.61
CA GLY A 352 -13.27 -3.00 13.66
C GLY A 352 -13.46 -1.77 12.78
N ASN A 353 -14.42 -1.89 11.85
CA ASN A 353 -14.76 -0.74 10.99
C ASN A 353 -16.11 -0.95 10.42
N LEU A 354 -16.63 0.15 9.83
CA LEU A 354 -17.90 0.05 9.12
C LEU A 354 -17.96 1.21 8.14
N THR A 355 -18.76 0.96 7.13
CA THR A 355 -19.00 2.06 6.14
C THR A 355 -20.22 2.88 6.55
N CYS A 356 -20.02 4.18 6.59
CA CYS A 356 -21.08 5.15 6.91
C CYS A 356 -21.92 5.36 5.64
N SER A 357 -22.96 4.60 5.50
N SER A 357 -22.96 4.59 5.49
CA SER A 357 -23.75 4.65 4.26
CA SER A 357 -23.76 4.67 4.26
C SER A 357 -24.87 5.66 4.27
C SER A 357 -24.77 5.78 4.24
N GLU A 358 -25.08 6.35 5.41
CA GLU A 358 -26.06 7.40 5.55
C GLU A 358 -25.44 8.55 6.29
N ALA A 359 -25.75 9.77 5.92
CA ALA A 359 -25.41 10.96 6.69
C ALA A 359 -26.11 10.92 8.11
N GLY A 360 -25.40 11.38 9.11
CA GLY A 360 -25.96 11.57 10.40
C GLY A 360 -24.83 11.61 11.40
N VAL A 361 -25.23 11.53 12.71
CA VAL A 361 -24.21 11.57 13.75
C VAL A 361 -24.05 10.14 14.27
N TYR A 362 -22.82 9.65 14.10
CA TYR A 362 -22.45 8.30 14.50
C TYR A 362 -21.87 8.38 15.94
N VAL A 363 -22.45 7.54 16.78
CA VAL A 363 -22.09 7.52 18.26
C VAL A 363 -21.42 6.20 18.54
N LEU A 364 -20.19 6.27 19.01
CA LEU A 364 -19.41 5.05 19.37
C LEU A 364 -19.35 5.07 20.88
N ARG A 365 -19.93 4.02 21.45
CA ARG A 365 -20.22 4.06 22.90
C ARG A 365 -19.63 2.80 23.65
N PHE A 366 -18.84 3.11 24.66
CA PHE A 366 -18.33 2.12 25.59
C PHE A 366 -19.22 2.03 26.83
N ASP A 367 -19.67 0.81 27.11
CA ASP A 367 -20.54 0.60 28.30
C ASP A 367 -19.78 -0.27 29.30
N ASN A 368 -19.54 0.29 30.46
CA ASN A 368 -18.78 -0.38 31.52
C ASN A 368 -19.77 -1.12 32.44
N THR A 369 -20.31 -2.22 31.97
CA THR A 369 -21.34 -3.00 32.70
C THR A 369 -20.89 -4.42 33.01
N TYR A 370 -19.59 -4.65 32.98
CA TYR A 370 -19.08 -6.01 33.27
C TYR A 370 -17.98 -6.04 34.37
N SER A 371 -17.63 -4.93 35.02
CA SER A 371 -16.50 -4.90 36.00
C SER A 371 -17.06 -4.98 37.44
N PHE A 372 -16.36 -5.54 38.32
N PHE A 372 -16.17 -4.84 38.40
CA PHE A 372 -17.06 -5.83 39.57
CA PHE A 372 -16.46 -4.66 39.85
C PHE A 372 -16.17 -5.03 40.35
C PHE A 372 -15.38 -3.85 40.58
N VAL A 373 -15.70 -3.98 39.69
N VAL A 373 -14.82 -2.89 39.99
CA VAL A 373 -14.86 -3.03 40.31
CA VAL A 373 -13.88 -1.94 40.67
C VAL A 373 -15.42 -1.65 40.06
C VAL A 373 -14.47 -0.53 40.39
N HIS A 374 -14.83 -0.76 40.85
N HIS A 374 -13.89 0.45 41.04
CA HIS A 374 -15.28 0.62 40.95
CA HIS A 374 -14.44 1.78 41.10
C HIS A 374 -15.35 1.36 39.56
C HIS A 374 -14.46 2.41 39.68
N ALA A 375 -14.29 1.19 38.77
N ALA A 375 -13.38 2.21 38.95
CA ALA A 375 -14.14 1.97 37.47
CA ALA A 375 -13.35 2.75 37.57
C ALA A 375 -13.11 1.29 36.62
C ALA A 375 -12.56 1.85 36.69
N LYS A 376 -12.96 1.86 35.36
CA LYS A 376 -12.31 1.09 34.31
C LYS A 376 -11.66 2.00 33.32
N LYS A 377 -10.43 1.70 32.98
CA LYS A 377 -9.72 2.50 31.96
C LYS A 377 -9.88 1.82 30.58
N VAL A 378 -10.34 2.63 29.60
CA VAL A 378 -10.42 2.18 28.22
C VAL A 378 -9.54 3.13 27.39
N SER A 379 -8.61 2.50 26.62
CA SER A 379 -7.80 3.22 25.68
C SER A 379 -8.33 2.95 24.26
N PHE A 380 -8.38 4.01 23.45
CA PHE A 380 -9.02 3.82 22.14
C PHE A 380 -8.53 4.91 21.17
N THR A 381 -8.76 4.52 19.87
CA THR A 381 -8.62 5.43 18.71
C THR A 381 -9.77 5.18 17.81
N VAL A 382 -10.33 6.30 17.32
CA VAL A 382 -11.30 6.25 16.26
C VAL A 382 -10.83 7.22 15.17
N GLU A 383 -10.96 6.72 13.93
CA GLU A 383 -10.63 7.55 12.74
C GLU A 383 -11.76 7.38 11.71
N VAL A 384 -11.79 8.43 10.84
CA VAL A 384 -12.68 8.36 9.69
C VAL A 384 -11.80 8.38 8.43
N LEU A 385 -12.02 7.40 7.57
CA LEU A 385 -11.27 7.22 6.35
C LEU A 385 -12.16 7.76 5.18
N LEU A 386 -11.75 8.91 4.66
CA LEU A 386 -12.59 9.60 3.62
C LEU A 386 -12.33 8.99 2.26
N PRO A 387 -13.42 9.02 1.44
CA PRO A 387 -13.20 8.61 0.07
C PRO A 387 -12.54 9.75 -0.75
N ASP A 388 -11.72 9.34 -1.71
CA ASP A 388 -11.18 10.29 -2.70
C ASP A 388 -12.37 10.69 -3.61
N GLU A 389 -12.63 11.98 -3.63
CA GLU A 389 -13.78 12.51 -4.34
C GLU A 389 -13.69 12.27 -5.87
N GLY A 390 -12.46 12.37 -6.39
CA GLY A 390 -12.24 12.19 -7.86
C GLY A 390 -12.56 10.71 -8.23
N MET A 391 -12.14 9.73 -7.41
CA MET A 391 -12.41 8.37 -7.70
C MET A 391 -13.90 8.00 -7.52
N GLN A 392 -14.63 8.72 -6.63
CA GLN A 392 -16.08 8.49 -6.55
C GLN A 392 -16.76 8.74 -7.91
N LYS A 393 -16.14 9.51 -8.78
CA LYS A 393 -16.68 9.61 -10.18
C LYS A 393 -16.83 8.25 -10.98
N TYR A 394 -15.98 7.26 -10.67
CA TYR A 394 -16.11 5.88 -11.23
C TYR A 394 -17.20 5.03 -10.56
N ASP A 395 -17.94 5.56 -9.57
CA ASP A 395 -18.88 4.74 -8.76
C ASP A 395 -19.75 3.76 -9.57
N LYS A 396 -20.31 4.21 -10.71
CA LYS A 396 -21.16 3.31 -11.53
C LYS A 396 -20.49 2.04 -12.05
N GLU A 397 -19.18 2.07 -12.30
CA GLU A 397 -18.48 0.86 -12.80
C GLU A 397 -17.79 0.10 -11.62
N LEU A 398 -17.91 0.64 -10.41
CA LEU A 398 -17.28 -0.07 -9.25
C LEU A 398 -18.30 -1.11 -8.71
N THR A 399 -17.79 -2.28 -8.34
CA THR A 399 -18.65 -3.40 -7.91
C THR A 399 -19.15 -3.25 -6.45
N PRO A 400 -20.43 -3.58 -6.21
CA PRO A 400 -20.88 -3.50 -4.77
C PRO A 400 -20.01 -4.33 -3.81
N VAL A 401 -19.88 -3.80 -2.60
CA VAL A 401 -19.31 -4.36 -1.37
C VAL A 401 -17.90 -3.84 -1.07
C1 EDO B . -13.27 -12.58 -14.00
O1 EDO B . -14.35 -11.68 -13.63
C2 EDO B . -12.36 -12.86 -12.78
O2 EDO B . -11.00 -12.39 -12.91
C1 EDO C . -8.12 2.99 14.50
O1 EDO C . -8.43 3.80 13.34
C2 EDO C . -6.90 1.99 14.29
O2 EDO C . -6.05 2.16 15.45
C1 EDO D . 3.07 -19.51 -16.43
O1 EDO D . 3.53 -20.61 -17.26
C2 EDO D . 3.06 -18.30 -17.26
O2 EDO D . 4.32 -18.03 -17.87
C1 EDO E . 8.35 -13.02 -16.26
O1 EDO E . 7.28 -13.71 -17.01
C2 EDO E . 8.66 -13.79 -14.91
O2 EDO E . 9.27 -14.94 -15.44
C1 EDO F . -5.49 -8.95 -29.88
O1 EDO F . -4.09 -9.13 -30.09
C2 EDO F . -6.00 -9.16 -28.43
O2 EDO F . -7.27 -9.77 -28.47
C1 EDO G . -22.00 5.19 37.24
O1 EDO G . -22.88 4.25 37.01
C2 EDO G . -22.21 6.60 37.09
O2 EDO G . -21.28 7.46 37.35
CAD UNL H . -5.19 1.46 -3.34
CAC UNL H . -4.40 2.15 -4.31
CAB UNL H . -3.76 1.47 -5.26
OAO UNL H . -3.08 2.24 -5.97
CAA UNL H . -3.90 0.10 -5.37
CAF UNL H . -4.70 -0.59 -4.39
CAE UNL H . -5.35 0.09 -3.36
CAG UNL H . -6.15 -0.54 -2.44
CAH UNL H . -7.46 0.31 -2.29
CAI UNL H . -5.68 -0.93 -1.12
CAJ UNL H . -6.23 -0.38 0.06
CAK UNL H . -5.83 -0.79 1.36
CAL UNL H . -4.86 -1.79 1.45
OAP UNL H . -4.45 -2.13 2.57
CAM UNL H . -4.30 -2.32 0.25
CAN UNL H . -4.75 -1.89 -1.03
#